data_8K8K
#
_entry.id   8K8K
#
_cell.length_a   28.350
_cell.length_b   69.747
_cell.length_c   126.902
_cell.angle_alpha   90.000
_cell.angle_beta   90.000
_cell.angle_gamma   90.000
#
_symmetry.space_group_name_H-M   'P 21 21 21'
#
loop_
_entity.id
_entity.type
_entity.pdbx_description
1 polymer 'Molybdate transporter periplasmic protein'
2 water water
#
_entity_poly.entity_id   1
_entity_poly.type   'polypeptide(L)'
_entity_poly.pdbx_seq_one_letter_code
;MAGSWLRGVVGVSLTLCVAGQALAAEGKVTVFAAASLTNAMQDIAQAYKKEKNIEVVSSFASSSTLARQIEAGAPADLFI
SADQKWMDYAADKKAIDPATRATLLGNSLVVVAPKASAQGAITIDEKTDWTSLLKGGRLAVGDPQHVPAGIYAKEALQKL
GAWETLSPKLAPAEDVRGALALVERNEAPLGIVYGSDAVASKGVKVVGTFPEASHQKVEYPLAIVDGHRNAAVSAFYDYL
KGPEASAIFKRYGFTTR
;
_entity_poly.pdbx_strand_id   A
#
# COMPACT_ATOMS: atom_id res chain seq x y z
N LYS A 28 26.79 3.19 5.80
CA LYS A 28 25.72 3.71 4.93
C LYS A 28 25.01 2.59 4.16
N VAL A 29 23.68 2.60 4.22
CA VAL A 29 22.83 1.72 3.45
C VAL A 29 21.87 2.59 2.66
N THR A 30 21.73 2.32 1.37
CA THR A 30 20.90 3.12 0.48
C THR A 30 19.68 2.31 0.07
N VAL A 31 18.49 2.85 0.34
CA VAL A 31 17.23 2.15 0.05
C VAL A 31 16.43 2.94 -0.98
N PHE A 32 15.99 2.26 -2.04
CA PHE A 32 15.01 2.78 -2.98
C PHE A 32 13.64 2.26 -2.59
N ALA A 33 12.74 3.15 -2.15
CA ALA A 33 11.45 2.74 -1.59
C ALA A 33 10.31 3.50 -2.23
N ALA A 34 9.25 2.76 -2.58
CA ALA A 34 8.01 3.37 -3.05
C ALA A 34 7.62 4.53 -2.14
N ALA A 35 7.14 5.61 -2.75
CA ALA A 35 6.95 6.87 -2.00
C ALA A 35 5.92 6.74 -0.89
N SER A 36 4.95 5.84 -1.02
CA SER A 36 3.98 5.65 0.06
C SER A 36 4.66 5.23 1.35
N LEU A 37 5.90 4.76 1.29
CA LEU A 37 6.62 4.33 2.48
C LEU A 37 7.46 5.46 3.11
N THR A 38 7.32 6.69 2.62
CA THR A 38 8.23 7.76 3.05
C THR A 38 8.28 7.90 4.57
N ASN A 39 7.12 8.10 5.21
CA ASN A 39 7.12 8.38 6.65
C ASN A 39 7.54 7.17 7.47
N ALA A 40 7.08 5.98 7.11
CA ALA A 40 7.49 4.79 7.83
C ALA A 40 9.01 4.59 7.72
N MET A 41 9.56 4.67 6.51
CA MET A 41 11.00 4.49 6.33
C MET A 41 11.82 5.59 6.97
N GLN A 42 11.31 6.83 7.01
CA GLN A 42 12.02 7.88 7.74
C GLN A 42 12.11 7.55 9.22
N ASP A 43 10.99 7.11 9.81
CA ASP A 43 11.02 6.69 11.22
C ASP A 43 11.96 5.50 11.43
N ILE A 44 11.88 4.51 10.55
CA ILE A 44 12.77 3.35 10.64
C ILE A 44 14.23 3.78 10.58
N ALA A 45 14.57 4.69 9.67
CA ALA A 45 15.95 5.17 9.58
C ALA A 45 16.38 5.82 10.90
N GLN A 46 15.49 6.58 11.53
CA GLN A 46 15.81 7.21 12.81
C GLN A 46 16.09 6.14 13.87
N ALA A 47 15.21 5.15 13.98
CA ALA A 47 15.41 4.10 14.96
C ALA A 47 16.72 3.37 14.70
N TYR A 48 17.01 3.06 13.44
CA TYR A 48 18.20 2.27 13.11
C TYR A 48 19.48 3.04 13.41
N LYS A 49 19.52 4.34 13.05
CA LYS A 49 20.73 5.13 13.30
C LYS A 49 20.99 5.27 14.80
N LYS A 50 19.94 5.37 15.60
CA LYS A 50 20.15 5.53 17.03
C LYS A 50 20.64 4.24 17.66
N GLU A 51 20.10 3.11 17.21
CA GLU A 51 20.44 1.83 17.81
C GLU A 51 21.70 1.20 17.22
N LYS A 52 22.02 1.45 15.95
CA LYS A 52 23.16 0.75 15.38
C LYS A 52 24.25 1.65 14.87
N ASN A 53 23.94 2.92 14.64
CA ASN A 53 24.89 3.93 14.19
C ASN A 53 25.26 3.74 12.72
N ILE A 54 24.27 3.37 11.91
CA ILE A 54 24.39 3.30 10.46
C ILE A 54 23.40 4.28 9.88
N GLU A 55 23.84 5.04 8.87
CA GLU A 55 22.97 5.95 8.16
C GLU A 55 22.18 5.18 7.11
N VAL A 56 20.86 5.27 7.16
CA VAL A 56 20.01 4.72 6.11
C VAL A 56 19.54 5.89 5.25
N VAL A 57 20.01 5.92 4.01
CA VAL A 57 19.72 7.01 3.08
C VAL A 57 18.65 6.50 2.11
N SER A 58 17.47 7.10 2.14
CA SER A 58 16.42 6.60 1.28
C SER A 58 16.15 7.55 0.13
N SER A 59 15.73 6.96 -1.00
CA SER A 59 15.25 7.68 -2.17
C SER A 59 13.85 7.19 -2.48
N PHE A 60 12.90 8.12 -2.53
CA PHE A 60 11.49 7.80 -2.67
C PHE A 60 11.00 8.28 -4.03
N ALA A 61 10.25 7.43 -4.70
CA ALA A 61 9.59 7.74 -5.97
C ALA A 61 8.59 6.64 -6.22
N SER A 62 7.93 6.70 -7.39
CA SER A 62 7.06 5.61 -7.77
C SER A 62 7.87 4.35 -7.97
N SER A 63 7.20 3.20 -7.82
CA SER A 63 7.87 1.91 -8.07
C SER A 63 8.40 1.83 -9.49
N SER A 64 7.64 2.38 -10.44
CA SER A 64 8.08 2.46 -11.84
C SER A 64 9.39 3.22 -11.99
N THR A 65 9.46 4.43 -11.43
CA THR A 65 10.68 5.24 -11.48
C THR A 65 11.87 4.50 -10.85
N LEU A 66 11.69 3.93 -9.66
CA LEU A 66 12.82 3.30 -8.97
C LEU A 66 13.32 2.06 -9.71
N ALA A 67 12.40 1.24 -10.23
CA ALA A 67 12.82 0.03 -10.92
C ALA A 67 13.62 0.36 -12.17
N ARG A 68 13.25 1.44 -12.86
CA ARG A 68 13.96 1.81 -14.08
C ARG A 68 15.34 2.34 -13.74
N GLN A 69 15.46 3.07 -12.64
CA GLN A 69 16.78 3.54 -12.23
C GLN A 69 17.69 2.38 -11.84
N ILE A 70 17.14 1.39 -11.13
CA ILE A 70 17.94 0.24 -10.70
C ILE A 70 18.34 -0.61 -11.89
N GLU A 71 17.39 -0.91 -12.78
CA GLU A 71 17.72 -1.59 -14.04
C GLU A 71 18.87 -0.92 -14.78
N ALA A 72 18.88 0.40 -14.81
CA ALA A 72 19.92 1.16 -15.49
C ALA A 72 21.23 1.22 -14.70
N GLY A 73 21.29 0.62 -13.52
CA GLY A 73 22.52 0.51 -12.77
C GLY A 73 22.66 1.42 -11.55
N ALA A 74 21.57 1.99 -11.06
CA ALA A 74 21.66 2.92 -9.93
C ALA A 74 22.25 2.22 -8.71
N PRO A 75 23.01 2.95 -7.89
CA PRO A 75 23.70 2.32 -6.75
C PRO A 75 22.81 2.15 -5.51
N ALA A 76 21.59 1.67 -5.68
CA ALA A 76 20.79 1.29 -4.53
C ALA A 76 21.31 -0.02 -3.94
N ASP A 77 21.20 -0.15 -2.63
CA ASP A 77 21.47 -1.44 -1.99
C ASP A 77 20.22 -2.29 -1.89
N LEU A 78 19.10 -1.68 -1.52
CA LEU A 78 17.84 -2.36 -1.28
C LEU A 78 16.76 -1.71 -2.13
N PHE A 79 15.76 -2.51 -2.52
CA PHE A 79 14.61 -2.01 -3.26
C PHE A 79 13.35 -2.54 -2.59
N ILE A 80 12.45 -1.64 -2.21
CA ILE A 80 11.11 -1.99 -1.76
C ILE A 80 10.12 -1.46 -2.77
N SER A 81 9.42 -2.36 -3.45
CA SER A 81 8.43 -1.95 -4.43
C SER A 81 7.03 -1.95 -3.80
N ALA A 82 6.13 -1.17 -4.39
CA ALA A 82 4.75 -1.15 -3.91
C ALA A 82 3.90 -2.22 -4.58
N ASP A 83 4.50 -3.00 -5.49
CA ASP A 83 3.82 -4.13 -6.10
C ASP A 83 4.85 -5.17 -6.56
N GLN A 84 4.37 -6.38 -6.85
CA GLN A 84 5.27 -7.41 -7.32
C GLN A 84 5.65 -7.20 -8.78
N LYS A 85 4.85 -6.45 -9.53
CA LYS A 85 5.09 -6.25 -10.96
C LYS A 85 6.44 -5.58 -11.21
N TRP A 86 6.73 -4.53 -10.45
CA TRP A 86 7.96 -3.80 -10.71
C TRP A 86 9.17 -4.51 -10.11
N MET A 87 8.96 -5.34 -9.10
CA MET A 87 10.03 -6.21 -8.63
C MET A 87 10.33 -7.30 -9.66
N ASP A 88 9.28 -7.90 -10.23
CA ASP A 88 9.43 -8.82 -11.36
C ASP A 88 10.26 -8.18 -12.48
N TYR A 89 9.92 -6.96 -12.86
CA TYR A 89 10.70 -6.22 -13.86
C TYR A 89 12.18 -6.20 -13.50
N ALA A 90 12.50 -5.73 -12.29
CA ALA A 90 13.90 -5.64 -11.90
C ALA A 90 14.57 -7.01 -11.95
N ALA A 91 13.88 -8.05 -11.49
CA ALA A 91 14.42 -9.41 -11.54
C ALA A 91 14.65 -9.87 -12.98
N ASP A 92 13.66 -9.63 -13.86
CA ASP A 92 13.84 -9.99 -15.26
C ASP A 92 15.07 -9.35 -15.88
N LYS A 93 15.43 -8.15 -15.43
CA LYS A 93 16.61 -7.47 -15.96
C LYS A 93 17.87 -7.82 -15.19
N LYS A 94 17.77 -8.79 -14.26
CA LYS A 94 18.89 -9.27 -13.45
C LYS A 94 19.47 -8.18 -12.53
N ALA A 95 18.64 -7.21 -12.11
CA ALA A 95 19.11 -6.10 -11.29
C ALA A 95 18.97 -6.34 -9.79
N ILE A 96 18.19 -7.32 -9.36
CA ILE A 96 18.12 -7.68 -7.94
C ILE A 96 18.72 -9.07 -7.77
N ASP A 97 19.00 -9.43 -6.52
CA ASP A 97 19.38 -10.80 -6.22
C ASP A 97 18.10 -11.54 -5.88
N PRO A 98 17.63 -12.47 -6.72
CA PRO A 98 16.34 -13.11 -6.46
C PRO A 98 16.33 -13.96 -5.20
N ALA A 99 17.48 -14.41 -4.72
CA ALA A 99 17.50 -15.21 -3.51
C ALA A 99 17.15 -14.39 -2.28
N THR A 100 17.13 -13.06 -2.40
CA THR A 100 16.80 -12.16 -1.30
C THR A 100 15.40 -11.58 -1.42
N ARG A 101 14.68 -11.89 -2.49
CA ARG A 101 13.37 -11.30 -2.72
C ARG A 101 12.32 -11.94 -1.83
N ALA A 102 11.50 -11.11 -1.19
CA ALA A 102 10.50 -11.58 -0.25
C ALA A 102 9.49 -10.47 0.00
N THR A 103 8.23 -10.87 0.14
CA THR A 103 7.19 -9.89 0.44
C THR A 103 7.45 -9.36 1.84
N LEU A 104 7.65 -8.04 1.96
CA LEU A 104 7.89 -7.43 3.26
C LEU A 104 6.60 -6.98 3.94
N LEU A 105 5.70 -6.34 3.20
CA LEU A 105 4.48 -5.76 3.75
C LEU A 105 3.27 -6.14 2.92
N GLY A 106 2.09 -5.99 3.55
CA GLY A 106 0.84 -6.04 2.83
C GLY A 106 0.03 -4.79 3.14
N ASN A 107 -1.09 -4.65 2.44
CA ASN A 107 -2.02 -3.55 2.73
C ASN A 107 -3.43 -4.11 2.57
N SER A 108 -4.26 -3.95 3.59
CA SER A 108 -5.64 -4.39 3.47
C SER A 108 -6.39 -3.43 2.56
N LEU A 109 -7.44 -3.94 1.93
CA LEU A 109 -8.37 -3.11 1.15
C LEU A 109 -9.56 -2.78 2.04
N VAL A 110 -9.75 -1.49 2.35
CA VAL A 110 -10.73 -1.11 3.36
C VAL A 110 -11.81 -0.22 2.77
N VAL A 111 -12.97 -0.26 3.42
CA VAL A 111 -14.06 0.65 3.16
C VAL A 111 -14.00 1.76 4.20
N VAL A 112 -14.01 3.02 3.76
CA VAL A 112 -13.95 4.14 4.69
C VAL A 112 -15.24 4.95 4.58
N ALA A 113 -15.53 5.70 5.65
CA ALA A 113 -16.69 6.58 5.74
C ALA A 113 -16.26 7.91 6.30
N PRO A 114 -17.03 8.99 6.05
CA PRO A 114 -16.71 10.27 6.66
C PRO A 114 -16.74 10.14 8.18
N LYS A 115 -15.83 10.87 8.83
CA LYS A 115 -15.75 10.79 10.29
C LYS A 115 -17.08 11.12 10.96
N ALA A 116 -17.87 12.03 10.38
CA ALA A 116 -19.11 12.47 11.00
C ALA A 116 -20.30 11.56 10.68
N SER A 117 -20.10 10.52 9.88
CA SER A 117 -21.20 9.68 9.42
C SER A 117 -21.80 8.86 10.56
N ALA A 118 -23.10 8.61 10.49
CA ALA A 118 -23.72 7.64 11.39
C ALA A 118 -23.19 6.23 11.21
N GLN A 119 -22.56 5.93 10.07
CA GLN A 119 -22.11 4.58 9.76
C GLN A 119 -21.13 4.05 10.80
N GLY A 120 -21.45 2.88 11.35
CA GLY A 120 -20.53 2.13 12.17
C GLY A 120 -19.86 1.03 11.35
N ALA A 121 -18.89 0.36 11.96
CA ALA A 121 -18.20 -0.69 11.23
C ALA A 121 -19.15 -1.85 10.93
N ILE A 122 -18.94 -2.53 9.80
CA ILE A 122 -19.81 -3.62 9.39
C ILE A 122 -18.97 -4.77 8.84
N THR A 123 -19.65 -5.89 8.58
CA THR A 123 -19.03 -7.08 8.02
C THR A 123 -19.10 -7.00 6.50
N ILE A 124 -17.96 -7.11 5.84
CA ILE A 124 -17.90 -7.07 4.38
C ILE A 124 -17.85 -8.51 3.88
N ASP A 125 -18.86 -8.91 3.12
CA ASP A 125 -18.88 -10.20 2.45
C ASP A 125 -19.95 -10.18 1.36
N GLU A 126 -20.32 -11.36 0.86
CA GLU A 126 -21.26 -11.53 -0.24
C GLU A 126 -22.65 -11.05 0.11
N LYS A 127 -22.97 -10.95 1.39
CA LYS A 127 -24.29 -10.55 1.86
C LYS A 127 -24.40 -9.05 2.11
N THR A 128 -23.31 -8.29 2.00
CA THR A 128 -23.33 -6.89 2.36
C THR A 128 -24.32 -6.12 1.49
N ASP A 129 -25.23 -5.39 2.15
CA ASP A 129 -26.24 -4.57 1.47
C ASP A 129 -25.63 -3.21 1.11
N TRP A 130 -24.92 -3.20 -0.02
CA TRP A 130 -24.24 -1.98 -0.43
C TRP A 130 -25.21 -0.85 -0.72
N THR A 131 -26.40 -1.16 -1.25
CA THR A 131 -27.33 -0.09 -1.59
C THR A 131 -27.81 0.64 -0.36
N SER A 132 -28.12 -0.09 0.70
CA SER A 132 -28.52 0.57 1.95
C SER A 132 -27.36 1.40 2.49
N LEU A 133 -26.15 0.86 2.45
CA LEU A 133 -24.99 1.57 3.00
C LEU A 133 -24.71 2.86 2.24
N LEU A 134 -25.06 2.91 0.95
CA LEU A 134 -24.78 4.12 0.16
C LEU A 134 -25.74 5.27 0.45
N LYS A 135 -26.89 5.00 1.08
CA LYS A 135 -27.79 6.07 1.51
C LYS A 135 -28.12 7.02 0.37
N GLY A 136 -28.25 6.47 -0.84
CA GLY A 136 -28.62 7.27 -2.00
C GLY A 136 -27.46 7.87 -2.77
N GLY A 137 -26.24 7.83 -2.24
CA GLY A 137 -25.09 8.43 -2.87
C GLY A 137 -24.25 7.44 -3.65
N ARG A 138 -22.99 7.80 -3.89
CA ARG A 138 -22.10 7.05 -4.75
C ARG A 138 -20.89 6.56 -3.97
N LEU A 139 -20.25 5.50 -4.47
CA LEU A 139 -19.08 4.94 -3.83
C LEU A 139 -17.82 5.56 -4.41
N ALA A 140 -16.99 6.15 -3.56
CA ALA A 140 -15.77 6.82 -4.02
C ALA A 140 -14.65 5.81 -4.24
N VAL A 141 -14.12 5.76 -5.46
CA VAL A 141 -13.02 4.86 -5.78
C VAL A 141 -12.01 5.56 -6.68
N GLY A 142 -10.77 5.09 -6.63
CA GLY A 142 -9.87 5.41 -7.72
C GLY A 142 -10.42 4.85 -9.02
N ASP A 143 -10.24 5.61 -10.11
CA ASP A 143 -10.69 5.14 -11.41
C ASP A 143 -10.15 3.73 -11.67
N PRO A 144 -11.02 2.72 -11.75
CA PRO A 144 -10.52 1.34 -11.89
C PRO A 144 -9.82 1.08 -13.21
N GLN A 145 -9.88 2.02 -14.15
CA GLN A 145 -9.15 1.87 -15.39
C GLN A 145 -7.66 2.09 -15.21
N HIS A 146 -7.22 2.75 -14.14
CA HIS A 146 -5.80 3.02 -14.01
C HIS A 146 -5.30 3.23 -12.56
N VAL A 147 -6.18 3.45 -11.60
CA VAL A 147 -5.75 3.69 -10.22
C VAL A 147 -5.65 2.35 -9.51
N PRO A 148 -4.49 2.00 -8.96
CA PRO A 148 -4.35 0.68 -8.32
C PRO A 148 -5.40 0.37 -7.27
N ALA A 149 -5.76 1.34 -6.40
CA ALA A 149 -6.81 1.05 -5.42
C ALA A 149 -8.15 0.82 -6.10
N GLY A 150 -8.39 1.48 -7.24
CA GLY A 150 -9.62 1.25 -7.96
C GLY A 150 -9.62 -0.08 -8.69
N ILE A 151 -8.45 -0.51 -9.20
CA ILE A 151 -8.34 -1.83 -9.79
C ILE A 151 -8.65 -2.90 -8.75
N TYR A 152 -8.05 -2.80 -7.56
CA TYR A 152 -8.29 -3.80 -6.53
C TYR A 152 -9.72 -3.71 -5.97
N ALA A 153 -10.28 -2.50 -5.87
CA ALA A 153 -11.66 -2.37 -5.43
C ALA A 153 -12.62 -3.07 -6.39
N LYS A 154 -12.42 -2.86 -7.69
CA LYS A 154 -13.28 -3.48 -8.69
C LYS A 154 -13.14 -4.99 -8.67
N GLU A 155 -11.92 -5.50 -8.44
CA GLU A 155 -11.74 -6.95 -8.38
C GLU A 155 -12.54 -7.53 -7.22
N ALA A 156 -12.46 -6.90 -6.05
CA ALA A 156 -13.16 -7.39 -4.86
C ALA A 156 -14.67 -7.36 -5.08
N LEU A 157 -15.18 -6.22 -5.56
CA LEU A 157 -16.61 -6.11 -5.78
C LEU A 157 -17.11 -7.12 -6.82
N GLN A 158 -16.33 -7.38 -7.86
CA GLN A 158 -16.74 -8.35 -8.87
C GLN A 158 -16.72 -9.75 -8.30
N LYS A 159 -15.68 -10.09 -7.54
CA LYS A 159 -15.61 -11.42 -6.96
C LYS A 159 -16.67 -11.62 -5.87
N LEU A 160 -17.06 -10.55 -5.16
CA LEU A 160 -18.14 -10.68 -4.19
C LEU A 160 -19.53 -10.68 -4.81
N GLY A 161 -19.66 -10.39 -6.10
CA GLY A 161 -20.97 -10.32 -6.72
C GLY A 161 -21.72 -9.03 -6.49
N ALA A 162 -21.03 -7.96 -6.11
CA ALA A 162 -21.66 -6.67 -5.87
C ALA A 162 -21.40 -5.67 -6.98
N TRP A 163 -20.58 -6.03 -7.98
CA TRP A 163 -20.22 -5.07 -9.03
C TRP A 163 -21.42 -4.69 -9.88
N GLU A 164 -22.30 -5.66 -10.18
CA GLU A 164 -23.50 -5.31 -10.95
C GLU A 164 -24.26 -4.17 -10.28
N THR A 165 -24.35 -4.19 -8.95
CA THR A 165 -25.06 -3.15 -8.21
C THR A 165 -24.30 -1.84 -8.17
N LEU A 166 -22.98 -1.90 -7.97
CA LEU A 166 -22.19 -0.70 -7.67
C LEU A 166 -21.65 -0.01 -8.92
N SER A 167 -21.49 -0.73 -10.03
CA SER A 167 -20.96 -0.11 -11.24
C SER A 167 -21.63 1.21 -11.60
N PRO A 168 -22.96 1.30 -11.71
CA PRO A 168 -23.56 2.60 -12.05
C PRO A 168 -23.54 3.62 -10.92
N LYS A 169 -23.07 3.27 -9.72
CA LYS A 169 -23.12 4.15 -8.56
C LYS A 169 -21.73 4.54 -8.06
N LEU A 170 -20.76 4.59 -8.96
CA LEU A 170 -19.39 4.94 -8.61
C LEU A 170 -19.14 6.43 -8.72
N ALA A 171 -18.18 6.90 -7.92
CA ALA A 171 -17.66 8.26 -7.99
C ALA A 171 -16.15 8.14 -8.19
N PRO A 172 -15.71 7.86 -9.42
CA PRO A 172 -14.28 7.60 -9.66
C PRO A 172 -13.44 8.86 -9.62
N ALA A 173 -12.23 8.74 -9.05
CA ALA A 173 -11.28 9.83 -8.98
C ALA A 173 -10.02 9.48 -9.75
N GLU A 174 -9.24 10.51 -10.08
CA GLU A 174 -7.96 10.31 -10.76
C GLU A 174 -6.90 9.66 -9.91
N ASP A 175 -7.04 9.66 -8.59
CA ASP A 175 -6.11 8.95 -7.73
C ASP A 175 -6.79 8.71 -6.39
N VAL A 176 -6.05 8.04 -5.50
CA VAL A 176 -6.58 7.70 -4.19
C VAL A 176 -6.84 8.97 -3.37
N ARG A 177 -5.94 9.94 -3.50
CA ARG A 177 -6.11 11.21 -2.81
C ARG A 177 -7.46 11.85 -3.14
N GLY A 178 -7.81 11.90 -4.43
CA GLY A 178 -9.08 12.49 -4.81
C GLY A 178 -10.26 11.69 -4.31
N ALA A 179 -10.09 10.37 -4.17
CA ALA A 179 -11.17 9.54 -3.64
C ALA A 179 -11.36 9.80 -2.15
N LEU A 180 -10.25 9.86 -1.40
CA LEU A 180 -10.31 10.25 0.00
C LEU A 180 -11.00 11.60 0.17
N ALA A 181 -10.67 12.56 -0.71
CA ALA A 181 -11.20 13.91 -0.52
C ALA A 181 -12.73 13.92 -0.57
N LEU A 182 -13.31 13.09 -1.44
CA LEU A 182 -14.77 13.01 -1.45
C LEU A 182 -15.32 12.56 -0.09
N VAL A 183 -14.69 11.54 0.51
CA VAL A 183 -15.18 11.02 1.79
C VAL A 183 -14.83 11.97 2.93
N GLU A 184 -13.62 12.53 2.91
CA GLU A 184 -13.20 13.49 3.92
C GLU A 184 -14.17 14.66 4.01
N ARG A 185 -14.64 15.14 2.87
CA ARG A 185 -15.53 16.29 2.78
C ARG A 185 -16.99 15.89 2.89
N ASN A 186 -17.25 14.63 3.28
CA ASN A 186 -18.61 14.14 3.50
C ASN A 186 -19.45 14.24 2.22
N GLU A 187 -18.79 14.25 1.04
CA GLU A 187 -19.43 14.37 -0.27
C GLU A 187 -19.79 13.03 -0.91
N ALA A 188 -19.21 11.93 -0.42
CA ALA A 188 -19.57 10.57 -0.76
C ALA A 188 -19.66 9.81 0.55
N PRO A 189 -20.65 8.91 0.70
CA PRO A 189 -20.84 8.26 2.01
C PRO A 189 -19.82 7.17 2.27
N LEU A 190 -19.20 6.62 1.22
CA LEU A 190 -18.28 5.50 1.35
C LEU A 190 -17.17 5.64 0.32
N GLY A 191 -16.02 5.04 0.63
CA GLY A 191 -14.90 4.99 -0.29
C GLY A 191 -14.10 3.72 -0.06
N ILE A 192 -13.32 3.34 -1.06
CA ILE A 192 -12.46 2.16 -0.94
C ILE A 192 -11.01 2.60 -1.15
N VAL A 193 -10.16 2.35 -0.16
CA VAL A 193 -8.76 2.75 -0.16
C VAL A 193 -7.94 1.65 0.51
N TYR A 194 -6.61 1.86 0.61
CA TYR A 194 -5.75 0.95 1.34
C TYR A 194 -5.74 1.29 2.83
N GLY A 195 -5.38 0.31 3.66
CA GLY A 195 -5.36 0.53 5.09
C GLY A 195 -4.44 1.68 5.49
N SER A 196 -3.29 1.78 4.82
CA SER A 196 -2.37 2.89 5.11
C SER A 196 -2.95 4.22 4.67
N ASP A 197 -3.71 4.24 3.58
CA ASP A 197 -4.42 5.46 3.18
C ASP A 197 -5.38 5.88 4.28
N ALA A 198 -6.20 4.94 4.76
CA ALA A 198 -7.16 5.26 5.81
C ALA A 198 -6.48 5.81 7.06
N VAL A 199 -5.33 5.25 7.43
CA VAL A 199 -4.64 5.67 8.65
C VAL A 199 -4.09 7.09 8.49
N ALA A 200 -3.65 7.44 7.28
CA ALA A 200 -3.07 8.76 7.08
C ALA A 200 -4.12 9.84 7.03
N SER A 201 -5.38 9.49 6.76
CA SER A 201 -6.45 10.45 6.55
C SER A 201 -7.25 10.60 7.85
N LYS A 202 -7.07 11.75 8.51
CA LYS A 202 -7.73 12.00 9.79
C LYS A 202 -9.24 12.12 9.64
N GLY A 203 -9.72 12.49 8.46
CA GLY A 203 -11.13 12.79 8.27
C GLY A 203 -11.99 11.63 7.83
N VAL A 204 -11.43 10.42 7.69
CA VAL A 204 -12.22 9.24 7.36
C VAL A 204 -12.01 8.19 8.44
N LYS A 205 -12.94 7.25 8.51
CA LYS A 205 -12.84 6.12 9.43
C LYS A 205 -13.10 4.82 8.71
N VAL A 206 -12.42 3.76 9.14
CA VAL A 206 -12.59 2.42 8.58
C VAL A 206 -13.89 1.82 9.10
N VAL A 207 -14.76 1.41 8.18
CA VAL A 207 -16.00 0.73 8.49
C VAL A 207 -16.04 -0.69 7.96
N GLY A 208 -14.99 -1.14 7.27
CA GLY A 208 -14.96 -2.50 6.79
C GLY A 208 -13.65 -2.85 6.13
N THR A 209 -13.37 -4.14 6.10
CA THR A 209 -12.14 -4.66 5.50
C THR A 209 -12.51 -5.77 4.54
N PHE A 210 -11.98 -5.72 3.32
CA PHE A 210 -12.30 -6.74 2.34
C PHE A 210 -11.58 -8.04 2.66
N PRO A 211 -12.24 -9.18 2.49
CA PRO A 211 -11.52 -10.46 2.57
C PRO A 211 -10.34 -10.45 1.60
N GLU A 212 -9.20 -10.95 2.08
CA GLU A 212 -8.04 -11.09 1.20
C GLU A 212 -8.34 -11.98 0.00
N ALA A 213 -9.23 -12.97 0.15
CA ALA A 213 -9.51 -13.85 -0.98
C ALA A 213 -10.26 -13.14 -2.09
N SER A 214 -10.81 -11.96 -1.81
CA SER A 214 -11.67 -11.27 -2.75
C SER A 214 -10.92 -10.52 -3.85
N HIS A 215 -9.59 -10.43 -3.77
CA HIS A 215 -8.81 -9.65 -4.72
C HIS A 215 -7.36 -10.08 -4.63
N GLN A 216 -6.59 -9.67 -5.64
CA GLN A 216 -5.15 -9.84 -5.62
C GLN A 216 -4.55 -9.14 -4.42
N LYS A 217 -3.63 -9.82 -3.73
CA LYS A 217 -3.04 -9.24 -2.54
C LYS A 217 -2.23 -8.00 -2.87
N VAL A 218 -2.39 -6.96 -2.05
CA VAL A 218 -1.59 -5.75 -2.16
C VAL A 218 -0.30 -5.99 -1.38
N GLU A 219 0.83 -6.06 -2.08
CA GLU A 219 2.08 -6.55 -1.51
C GLU A 219 3.27 -5.66 -1.84
N TYR A 220 4.17 -5.51 -0.85
CA TYR A 220 5.37 -4.71 -1.02
C TYR A 220 6.56 -5.65 -0.87
N PRO A 221 7.17 -6.09 -1.97
CA PRO A 221 8.35 -6.96 -1.87
C PRO A 221 9.60 -6.16 -1.57
N LEU A 222 10.52 -6.81 -0.87
CA LEU A 222 11.83 -6.24 -0.56
C LEU A 222 12.87 -7.17 -1.20
N ALA A 223 13.94 -6.61 -1.74
CA ALA A 223 15.03 -7.43 -2.23
C ALA A 223 16.32 -6.63 -2.15
N ILE A 224 17.43 -7.35 -2.10
CA ILE A 224 18.75 -6.74 -2.17
C ILE A 224 19.09 -6.57 -3.64
N VAL A 225 19.73 -5.45 -3.97
CA VAL A 225 20.08 -5.14 -5.35
C VAL A 225 21.31 -5.97 -5.73
N ASP A 226 21.35 -6.44 -6.99
CA ASP A 226 22.47 -7.25 -7.47
C ASP A 226 23.80 -6.51 -7.24
N GLY A 227 24.73 -7.19 -6.57
CA GLY A 227 26.03 -6.64 -6.25
C GLY A 227 26.13 -5.97 -4.89
N HIS A 228 25.03 -5.89 -4.12
CA HIS A 228 25.04 -5.11 -2.88
C HIS A 228 24.76 -5.97 -1.65
N ARG A 229 25.05 -7.27 -1.69
CA ARG A 229 24.75 -8.14 -0.56
C ARG A 229 26.00 -8.27 0.31
N ASN A 230 26.22 -7.25 1.13
CA ASN A 230 27.33 -7.22 2.07
C ASN A 230 26.77 -7.18 3.49
N ALA A 231 27.67 -7.08 4.49
CA ALA A 231 27.25 -7.25 5.88
C ALA A 231 26.30 -6.14 6.33
N ALA A 232 26.67 -4.88 6.10
CA ALA A 232 25.85 -3.77 6.56
C ALA A 232 24.49 -3.77 5.86
N VAL A 233 24.47 -4.04 4.55
CA VAL A 233 23.21 -4.11 3.82
C VAL A 233 22.36 -5.26 4.32
N SER A 234 22.95 -6.45 4.49
CA SER A 234 22.19 -7.59 5.00
C SER A 234 21.63 -7.31 6.39
N ALA A 235 22.42 -6.61 7.22
CA ALA A 235 21.98 -6.30 8.58
C ALA A 235 20.71 -5.44 8.58
N PHE A 236 20.66 -4.38 7.75
CA PHE A 236 19.45 -3.57 7.73
C PHE A 236 18.32 -4.30 7.03
N TYR A 237 18.66 -5.06 5.98
CA TYR A 237 17.71 -5.97 5.35
C TYR A 237 16.99 -6.82 6.39
N ASP A 238 17.74 -7.41 7.33
CA ASP A 238 17.13 -8.22 8.38
C ASP A 238 16.34 -7.37 9.36
N TYR A 239 16.84 -6.19 9.70
CA TYR A 239 16.17 -5.31 10.64
C TYR A 239 14.76 -4.94 10.16
N LEU A 240 14.61 -4.73 8.85
CA LEU A 240 13.32 -4.37 8.27
C LEU A 240 12.24 -5.40 8.60
N LYS A 241 12.63 -6.64 8.90
CA LYS A 241 11.68 -7.69 9.25
C LYS A 241 11.56 -7.91 10.76
N GLY A 242 12.30 -7.17 11.58
CA GLY A 242 12.32 -7.40 13.01
C GLY A 242 11.21 -6.66 13.73
N PRO A 243 11.21 -6.70 15.08
CA PRO A 243 10.06 -6.16 15.81
C PRO A 243 9.91 -4.65 15.75
N GLU A 244 11.00 -3.90 15.96
CA GLU A 244 10.96 -2.45 15.94
C GLU A 244 10.44 -1.91 14.62
N ALA A 245 10.92 -2.45 13.49
CA ALA A 245 10.45 -1.98 12.20
C ALA A 245 9.01 -2.39 11.95
N SER A 246 8.66 -3.63 12.33
CA SER A 246 7.29 -4.10 12.18
C SER A 246 6.32 -3.22 12.96
N ALA A 247 6.72 -2.75 14.14
CA ALA A 247 5.84 -1.87 14.92
C ALA A 247 5.62 -0.54 14.21
N ILE A 248 6.66 0.03 13.63
CA ILE A 248 6.51 1.27 12.87
C ILE A 248 5.61 1.06 11.64
N PHE A 249 5.85 -0.02 10.88
CA PHE A 249 5.00 -0.28 9.72
C PHE A 249 3.54 -0.45 10.13
N LYS A 250 3.31 -1.18 11.22
CA LYS A 250 1.96 -1.42 11.72
C LYS A 250 1.24 -0.11 12.08
N ARG A 251 1.93 0.80 12.74
CA ARG A 251 1.22 2.01 13.14
C ARG A 251 0.95 2.93 11.96
N TYR A 252 1.69 2.79 10.86
CA TYR A 252 1.33 3.48 9.63
C TYR A 252 0.26 2.73 8.82
N GLY A 253 -0.27 1.63 9.35
CA GLY A 253 -1.39 0.96 8.74
C GLY A 253 -1.07 -0.16 7.78
N PHE A 254 0.21 -0.52 7.64
CA PHE A 254 0.59 -1.66 6.81
C PHE A 254 0.48 -2.95 7.62
N THR A 255 0.34 -4.06 6.92
CA THR A 255 0.45 -5.37 7.56
C THR A 255 1.85 -5.89 7.34
N THR A 256 2.34 -6.68 8.29
CA THR A 256 3.70 -7.18 8.21
C THR A 256 3.71 -8.71 8.00
N ARG A 257 4.91 -9.26 7.86
CA ARG A 257 5.07 -10.67 7.50
C ARG A 257 6.18 -11.35 8.33
#